data_9FQL
#
_entry.id   9FQL
#
_cell.length_a   41.986
_cell.length_b   85.076
_cell.length_c   198.423
_cell.angle_alpha   90.000
_cell.angle_beta   90.000
_cell.angle_gamma   90.000
#
_symmetry.space_group_name_H-M   'P 21 21 21'
#
loop_
_entity.id
_entity.type
_entity.pdbx_description
1 polymer 'E3 ubiquitin-protein ligase Mdm2'
2 polymer p25Lp26A
3 non-polymer 'PHOSPHATE ION'
4 water water
#
loop_
_entity_poly.entity_id
_entity_poly.type
_entity_poly.pdbx_seq_one_letter_code
_entity_poly.pdbx_strand_id
1 'polypeptide(L)'
;ETLVRPKPLLLKLLKSVGAQKDTYTMKEVLFYLGQYIMTKRLYDEKQQHIVYCSNDLLGDLFGAPSFSVKEHRKIYTMIY
RNLVVV
;
A,B,E,F,I,J
2 'polypeptide(L)' TSFAEYWA(URL)(G2Z)P C,D,G,H,K,L
#
loop_
_chem_comp.id
_chem_comp.type
_chem_comp.name
_chem_comp.formula
G2Z non-polymer '[(2~{S})-2-azanylpropyl]carbamic acid' 'C4 H10 N2 O2'
PO4 non-polymer 'PHOSPHATE ION' 'O4 P -3'
URL non-polymer '[(2~{S})-2-azanyl-4-methyl-pentyl]carbamic acid' 'C7 H16 N2 O2'
#
# COMPACT_ATOMS: atom_id res chain seq x y z
N GLU A 1 7.61 -13.02 -23.97
CA GLU A 1 8.23 -12.35 -25.09
C GLU A 1 8.48 -13.31 -26.25
N THR A 2 8.14 -14.58 -26.05
CA THR A 2 8.26 -15.54 -27.13
C THR A 2 7.14 -15.31 -28.14
N LEU A 3 7.50 -15.15 -29.41
CA LEU A 3 6.54 -14.98 -30.49
C LEU A 3 6.25 -16.32 -31.14
N VAL A 4 4.97 -16.56 -31.44
CA VAL A 4 4.54 -17.79 -32.08
C VAL A 4 3.64 -17.45 -33.27
N ARG A 5 3.65 -18.35 -34.24
CA ARG A 5 2.73 -18.24 -35.39
C ARG A 5 1.81 -19.44 -35.38
N PRO A 6 0.53 -19.25 -35.04
CA PRO A 6 -0.40 -20.39 -35.01
C PRO A 6 -0.52 -21.04 -36.37
N LYS A 7 -0.64 -22.36 -36.37
CA LYS A 7 -0.87 -23.11 -37.59
C LYS A 7 -2.31 -22.87 -38.08
N PRO A 8 -2.58 -23.16 -39.37
CA PRO A 8 -3.87 -22.75 -39.96
C PRO A 8 -5.11 -23.04 -39.13
N LEU A 9 -5.22 -24.23 -38.52
CA LEU A 9 -6.43 -24.55 -37.78
C LEU A 9 -6.57 -23.67 -36.54
N LEU A 10 -5.50 -23.53 -35.77
CA LEU A 10 -5.55 -22.63 -34.61
C LEU A 10 -5.75 -21.19 -35.04
N LEU A 11 -5.14 -20.78 -36.15
CA LEU A 11 -5.31 -19.42 -36.65
C LEU A 11 -6.75 -19.15 -37.05
N LYS A 12 -7.40 -20.13 -37.68
CA LYS A 12 -8.80 -19.97 -38.04
C LYS A 12 -9.67 -19.74 -36.80
N LEU A 13 -9.36 -20.44 -35.71
CA LEU A 13 -10.10 -20.26 -34.46
C LEU A 13 -9.92 -18.85 -33.91
N LEU A 14 -8.68 -18.37 -33.83
CA LEU A 14 -8.43 -17.03 -33.32
C LEU A 14 -9.09 -15.96 -34.19
N LYS A 15 -9.02 -16.13 -35.51
CA LYS A 15 -9.60 -15.14 -36.41
C LYS A 15 -11.12 -15.11 -36.32
N SER A 16 -11.74 -16.21 -35.92
CA SER A 16 -13.20 -16.24 -35.82
C SER A 16 -13.73 -15.34 -34.72
N VAL A 17 -12.88 -14.92 -33.78
CA VAL A 17 -13.31 -13.97 -32.75
C VAL A 17 -12.54 -12.66 -32.87
N GLY A 18 -11.99 -12.36 -34.04
CA GLY A 18 -11.48 -11.03 -34.33
C GLY A 18 -9.97 -10.89 -34.41
N ALA A 19 -9.21 -11.95 -34.19
CA ALA A 19 -7.76 -11.84 -34.32
C ALA A 19 -7.38 -11.43 -35.75
N GLN A 20 -6.40 -10.54 -35.85
CA GLN A 20 -6.06 -9.90 -37.12
C GLN A 20 -4.63 -10.17 -37.57
N LYS A 21 -3.79 -10.83 -36.77
CA LYS A 21 -2.38 -11.01 -37.06
C LYS A 21 -2.06 -12.47 -37.37
N ASP A 22 -0.80 -12.70 -37.76
CA ASP A 22 -0.24 -14.03 -37.92
C ASP A 22 0.72 -14.41 -36.80
N THR A 23 1.20 -13.45 -36.03
CA THR A 23 2.22 -13.66 -35.00
C THR A 23 1.69 -13.16 -33.67
N TYR A 24 1.86 -13.97 -32.62
CA TYR A 24 1.34 -13.62 -31.31
C TYR A 24 2.32 -14.07 -30.23
N THR A 25 2.14 -13.49 -29.06
CA THR A 25 2.74 -14.06 -27.86
C THR A 25 1.85 -15.20 -27.36
N MET A 26 2.42 -16.05 -26.52
CA MET A 26 1.64 -17.12 -25.93
C MET A 26 0.47 -16.59 -25.13
N LYS A 27 0.69 -15.49 -24.39
CA LYS A 27 -0.38 -14.90 -23.60
C LYS A 27 -1.52 -14.42 -24.50
N GLU A 28 -1.20 -13.85 -25.66
CA GLU A 28 -2.22 -13.38 -26.58
C GLU A 28 -3.04 -14.55 -27.13
N VAL A 29 -2.38 -15.66 -27.45
CA VAL A 29 -3.11 -16.84 -27.93
C VAL A 29 -4.08 -17.33 -26.87
N LEU A 30 -3.63 -17.37 -25.61
CA LEU A 30 -4.49 -17.83 -24.52
C LEU A 30 -5.67 -16.90 -24.32
N PHE A 31 -5.47 -15.60 -24.47
CA PHE A 31 -6.57 -14.65 -24.34
C PHE A 31 -7.63 -14.88 -25.39
N TYR A 32 -7.22 -14.99 -26.66
CA TYR A 32 -8.17 -15.21 -27.74
C TYR A 32 -8.85 -16.57 -27.63
N LEU A 33 -8.11 -17.59 -27.19
CA LEU A 33 -8.70 -18.91 -27.06
C LEU A 33 -9.80 -18.93 -26.01
N GLY A 34 -9.55 -18.30 -24.85
CA GLY A 34 -10.61 -18.17 -23.87
C GLY A 34 -11.76 -17.32 -24.38
N GLN A 35 -11.44 -16.28 -25.13
CA GLN A 35 -12.47 -15.46 -25.79
C GLN A 35 -13.33 -16.31 -26.71
N TYR A 36 -12.69 -17.20 -27.49
CA TYR A 36 -13.44 -18.07 -28.39
C TYR A 36 -14.41 -18.95 -27.63
N ILE A 37 -13.96 -19.57 -26.54
CA ILE A 37 -14.81 -20.49 -25.80
C ILE A 37 -16.02 -19.77 -25.22
N MET A 38 -15.82 -18.55 -24.71
CA MET A 38 -16.95 -17.79 -24.15
C MET A 38 -17.85 -17.26 -25.26
N THR A 39 -17.26 -16.75 -26.35
CA THR A 39 -18.09 -16.20 -27.43
C THR A 39 -18.94 -17.29 -28.08
N LYS A 40 -18.41 -18.49 -28.22
CA LYS A 40 -19.16 -19.61 -28.78
C LYS A 40 -19.96 -20.37 -27.73
N ARG A 41 -19.87 -19.96 -26.46
CA ARG A 41 -20.68 -20.53 -25.36
C ARG A 41 -20.47 -22.04 -25.22
N LEU A 42 -19.20 -22.44 -25.18
CA LEU A 42 -18.82 -23.85 -25.09
C LEU A 42 -18.64 -24.34 -23.67
N TYR A 43 -18.66 -23.47 -22.68
CA TYR A 43 -18.47 -23.86 -21.28
C TYR A 43 -19.80 -24.27 -20.66
N ASP A 44 -19.72 -25.19 -19.70
CA ASP A 44 -20.91 -25.66 -18.99
C ASP A 44 -21.40 -24.58 -18.03
N GLU A 45 -22.71 -24.31 -18.06
CA GLU A 45 -23.24 -23.22 -17.22
C GLU A 45 -23.15 -23.56 -15.73
N LYS A 46 -23.26 -24.83 -15.37
CA LYS A 46 -23.28 -25.20 -13.95
C LYS A 46 -21.87 -25.40 -13.38
N GLN A 47 -21.06 -26.21 -14.05
CA GLN A 47 -19.66 -26.43 -13.67
C GLN A 47 -18.79 -25.84 -14.76
N GLN A 48 -18.42 -24.57 -14.59
CA GLN A 48 -17.94 -23.76 -15.70
C GLN A 48 -16.51 -24.07 -16.12
N HIS A 49 -15.83 -25.03 -15.49
CA HIS A 49 -14.54 -25.45 -16.03
C HIS A 49 -14.67 -26.48 -17.14
N ILE A 50 -15.87 -27.01 -17.37
CA ILE A 50 -16.10 -28.04 -18.38
C ILE A 50 -16.42 -27.38 -19.72
N VAL A 51 -15.77 -27.85 -20.78
CA VAL A 51 -15.97 -27.32 -22.14
C VAL A 51 -16.44 -28.46 -23.04
N TYR A 52 -17.51 -28.20 -23.80
CA TYR A 52 -18.05 -29.18 -24.73
C TYR A 52 -17.75 -28.70 -26.15
N CYS A 53 -16.96 -29.48 -26.91
CA CYS A 53 -16.52 -29.02 -28.23
C CYS A 53 -16.62 -30.09 -29.32
N SER A 54 -17.55 -31.03 -29.19
CA SER A 54 -17.61 -32.15 -30.15
C SER A 54 -17.90 -31.69 -31.58
N ASN A 55 -18.84 -30.77 -31.76
CA ASN A 55 -19.19 -30.31 -33.11
C ASN A 55 -18.55 -28.97 -33.42
N ASP A 56 -17.29 -28.79 -33.05
CA ASP A 56 -16.64 -27.50 -33.16
C ASP A 56 -15.18 -27.67 -33.54
N LEU A 57 -14.65 -26.62 -34.19
CA LEU A 57 -13.24 -26.56 -34.56
C LEU A 57 -12.32 -26.82 -33.37
N LEU A 58 -12.72 -26.35 -32.18
CA LEU A 58 -11.94 -26.57 -30.97
C LEU A 58 -11.75 -28.05 -30.68
N GLY A 59 -12.78 -28.86 -30.89
CA GLY A 59 -12.66 -30.28 -30.64
C GLY A 59 -11.72 -30.97 -31.61
N ASP A 60 -11.65 -30.50 -32.85
CA ASP A 60 -10.66 -31.01 -33.79
C ASP A 60 -9.25 -30.65 -33.33
N LEU A 61 -9.10 -29.45 -32.77
CA LEU A 61 -7.82 -29.03 -32.24
C LEU A 61 -7.43 -29.86 -31.02
N PHE A 62 -8.39 -30.16 -30.15
CA PHE A 62 -8.06 -30.86 -28.91
C PHE A 62 -7.88 -32.38 -29.08
N GLY A 63 -8.48 -32.97 -30.09
CA GLY A 63 -8.48 -34.41 -30.28
C GLY A 63 -9.49 -35.17 -29.44
N ALA A 64 -10.36 -34.46 -28.73
CA ALA A 64 -11.36 -35.00 -27.82
C ALA A 64 -12.59 -34.11 -27.92
N PRO A 65 -13.77 -34.66 -27.61
CA PRO A 65 -15.00 -33.88 -27.75
C PRO A 65 -15.36 -33.03 -26.54
N SER A 66 -14.61 -33.15 -25.46
CA SER A 66 -14.89 -32.40 -24.25
C SER A 66 -13.63 -32.41 -23.40
N PHE A 67 -13.51 -31.41 -22.56
CA PHE A 67 -12.38 -31.35 -21.64
C PHE A 67 -12.70 -30.35 -20.54
N SER A 68 -11.86 -30.36 -19.51
CA SER A 68 -11.94 -29.43 -18.40
C SER A 68 -10.77 -28.46 -18.50
N VAL A 69 -11.04 -27.18 -18.23
CA VAL A 69 -9.99 -26.17 -18.26
C VAL A 69 -8.95 -26.43 -17.17
N LYS A 70 -9.28 -27.24 -16.16
CA LYS A 70 -8.30 -27.63 -15.15
C LYS A 70 -7.19 -28.52 -15.72
N GLU A 71 -7.39 -29.11 -16.91
CA GLU A 71 -6.35 -29.95 -17.52
C GLU A 71 -5.35 -29.05 -18.24
N HIS A 72 -4.54 -28.35 -17.43
CA HIS A 72 -3.63 -27.34 -17.97
C HIS A 72 -2.62 -27.95 -18.93
N ARG A 73 -2.11 -29.13 -18.58
CA ARG A 73 -1.11 -29.77 -19.43
C ARG A 73 -1.67 -30.08 -20.81
N LYS A 74 -2.93 -30.56 -20.86
CA LYS A 74 -3.55 -30.85 -22.15
C LYS A 74 -3.75 -29.58 -22.98
N ILE A 75 -4.11 -28.48 -22.31
CA ILE A 75 -4.33 -27.23 -23.02
C ILE A 75 -3.02 -26.75 -23.67
N TYR A 76 -1.95 -26.71 -22.87
CA TYR A 76 -0.65 -26.32 -23.43
C TYR A 76 -0.18 -27.29 -24.50
N THR A 77 -0.48 -28.58 -24.33
CA THR A 77 -0.13 -29.57 -25.35
C THR A 77 -0.78 -29.21 -26.69
N MET A 78 -2.09 -28.97 -26.66
CA MET A 78 -2.81 -28.65 -27.88
C MET A 78 -2.24 -27.38 -28.53
N ILE A 79 -1.97 -26.35 -27.74
CA ILE A 79 -1.53 -25.08 -28.31
C ILE A 79 -0.15 -25.22 -28.92
N TYR A 80 0.81 -25.77 -28.17
CA TYR A 80 2.17 -25.90 -28.68
C TYR A 80 2.25 -26.82 -29.90
N ARG A 81 1.37 -27.82 -29.98
CA ARG A 81 1.38 -28.68 -31.15
C ARG A 81 0.83 -27.98 -32.39
N ASN A 82 0.12 -26.87 -32.21
CA ASN A 82 -0.51 -26.15 -33.32
C ASN A 82 0.09 -24.76 -33.57
N LEU A 83 1.34 -24.53 -33.19
CA LEU A 83 2.00 -23.28 -33.50
C LEU A 83 3.44 -23.54 -33.92
N VAL A 84 4.09 -22.47 -34.39
CA VAL A 84 5.49 -22.48 -34.80
C VAL A 84 6.19 -21.39 -34.00
N VAL A 85 7.19 -21.78 -33.22
CA VAL A 85 7.94 -20.81 -32.43
C VAL A 85 8.83 -19.99 -33.36
N VAL A 86 8.87 -18.68 -33.12
CA VAL A 86 9.70 -17.79 -33.93
C VAL A 86 11.05 -17.64 -33.25
N THR B 2 -12.42 -8.29 -0.05
CA THR B 2 -13.55 -7.38 0.04
C THR B 2 -14.79 -8.01 -0.59
N LEU B 3 -15.87 -8.08 0.17
CA LEU B 3 -17.13 -8.66 -0.31
C LEU B 3 -18.07 -7.56 -0.79
N VAL B 4 -18.76 -7.84 -1.90
CA VAL B 4 -19.74 -6.92 -2.45
C VAL B 4 -21.03 -7.69 -2.71
N ARG B 5 -22.15 -6.99 -2.62
CA ARG B 5 -23.45 -7.55 -2.94
C ARG B 5 -24.05 -6.78 -4.11
N PRO B 6 -24.13 -7.39 -5.29
CA PRO B 6 -24.69 -6.67 -6.45
C PRO B 6 -26.15 -6.30 -6.24
N LYS B 7 -26.51 -5.12 -6.76
CA LYS B 7 -27.89 -4.68 -6.78
C LYS B 7 -28.69 -5.50 -7.80
N PRO B 8 -30.03 -5.47 -7.72
CA PRO B 8 -30.84 -6.39 -8.53
C PRO B 8 -30.47 -6.51 -10.01
N LEU B 9 -30.26 -5.38 -10.70
CA LEU B 9 -29.98 -5.45 -12.13
C LEU B 9 -28.63 -6.11 -12.42
N LEU B 10 -27.59 -5.71 -11.68
CA LEU B 10 -26.29 -6.35 -11.86
C LEU B 10 -26.36 -7.83 -11.50
N LEU B 11 -27.11 -8.15 -10.44
CA LEU B 11 -27.27 -9.55 -10.05
C LEU B 11 -27.95 -10.35 -11.15
N LYS B 12 -28.95 -9.74 -11.81
CA LYS B 12 -29.61 -10.40 -12.93
C LYS B 12 -28.61 -10.70 -14.04
N LEU B 13 -27.70 -9.76 -14.32
CA LEU B 13 -26.68 -9.98 -15.34
C LEU B 13 -25.76 -11.13 -14.96
N LEU B 14 -25.24 -11.12 -13.72
CA LEU B 14 -24.34 -12.18 -13.29
C LEU B 14 -25.02 -13.54 -13.34
N LYS B 15 -26.30 -13.58 -12.96
CA LYS B 15 -27.01 -14.86 -12.96
C LYS B 15 -27.20 -15.40 -14.37
N SER B 16 -27.28 -14.52 -15.37
CA SER B 16 -27.49 -14.97 -16.75
C SER B 16 -26.27 -15.69 -17.32
N VAL B 17 -25.10 -15.57 -16.70
CA VAL B 17 -23.93 -16.32 -17.13
C VAL B 17 -23.49 -17.32 -16.06
N GLY B 18 -24.38 -17.67 -15.13
CA GLY B 18 -24.14 -18.80 -14.25
C GLY B 18 -23.77 -18.46 -12.82
N ALA B 19 -23.65 -17.19 -12.46
CA ALA B 19 -23.33 -16.84 -11.08
C ALA B 19 -24.43 -17.37 -10.16
N GLN B 20 -24.02 -17.88 -8.99
CA GLN B 20 -24.96 -18.60 -8.14
C GLN B 20 -25.23 -17.95 -6.81
N LYS B 21 -24.49 -16.92 -6.42
CA LYS B 21 -24.64 -16.28 -5.12
C LYS B 21 -25.11 -14.84 -5.27
N ASP B 22 -25.38 -14.21 -4.13
CA ASP B 22 -25.66 -12.77 -4.08
C ASP B 22 -24.51 -11.97 -3.48
N THR B 23 -23.44 -12.64 -3.05
CA THR B 23 -22.28 -11.99 -2.47
C THR B 23 -21.03 -12.51 -3.17
N TYR B 24 -20.15 -11.59 -3.57
CA TYR B 24 -18.95 -11.91 -4.31
C TYR B 24 -17.81 -11.00 -3.91
N THR B 25 -16.60 -11.40 -4.29
CA THR B 25 -15.48 -10.47 -4.28
C THR B 25 -15.57 -9.60 -5.54
N MET B 26 -14.86 -8.47 -5.50
CA MET B 26 -14.81 -7.61 -6.68
C MET B 26 -14.19 -8.35 -7.87
N LYS B 27 -13.16 -9.15 -7.62
CA LYS B 27 -12.53 -9.89 -8.71
C LYS B 27 -13.51 -10.84 -9.38
N GLU B 28 -14.37 -11.49 -8.58
CA GLU B 28 -15.36 -12.40 -9.14
C GLU B 28 -16.38 -11.66 -9.99
N VAL B 29 -16.82 -10.47 -9.54
CA VAL B 29 -17.75 -9.68 -10.34
C VAL B 29 -17.11 -9.29 -11.66
N LEU B 30 -15.85 -8.89 -11.64
CA LEU B 30 -15.16 -8.50 -12.86
C LEU B 30 -15.00 -9.69 -13.81
N PHE B 31 -14.72 -10.86 -13.25
CA PHE B 31 -14.61 -12.06 -14.08
C PHE B 31 -15.93 -12.37 -14.79
N TYR B 32 -17.03 -12.40 -14.03
CA TYR B 32 -18.32 -12.70 -14.61
C TYR B 32 -18.77 -11.62 -15.59
N LEU B 33 -18.45 -10.35 -15.30
CA LEU B 33 -18.88 -9.27 -16.17
C LEU B 33 -18.19 -9.34 -17.53
N GLY B 34 -16.89 -9.58 -17.55
CA GLY B 34 -16.20 -9.77 -18.81
C GLY B 34 -16.69 -11.02 -19.54
N GLN B 35 -16.96 -12.08 -18.78
CA GLN B 35 -17.57 -13.29 -19.35
C GLN B 35 -18.91 -12.98 -19.99
N TYR B 36 -19.73 -12.16 -19.33
CA TYR B 36 -21.01 -11.76 -19.89
C TYR B 36 -20.84 -11.05 -21.23
N ILE B 37 -19.91 -10.11 -21.30
CA ILE B 37 -19.72 -9.33 -22.53
C ILE B 37 -19.28 -10.25 -23.67
N MET B 38 -18.40 -11.21 -23.38
CA MET B 38 -17.97 -12.13 -24.42
C MET B 38 -19.07 -13.13 -24.78
N THR B 39 -19.77 -13.64 -23.78
CA THR B 39 -20.82 -14.63 -24.05
C THR B 39 -21.94 -14.03 -24.89
N LYS B 40 -22.29 -12.76 -24.63
CA LYS B 40 -23.31 -12.08 -25.41
C LYS B 40 -22.75 -11.36 -26.64
N ARG B 41 -21.43 -11.46 -26.87
CA ARG B 41 -20.80 -10.94 -28.09
C ARG B 41 -21.06 -9.44 -28.24
N LEU B 42 -20.84 -8.69 -27.16
CA LEU B 42 -21.11 -7.26 -27.15
C LEU B 42 -19.90 -6.43 -27.57
N TYR B 43 -18.73 -7.04 -27.70
CA TYR B 43 -17.54 -6.29 -28.05
C TYR B 43 -17.44 -6.15 -29.56
N ASP B 44 -16.84 -5.03 -29.99
CA ASP B 44 -16.64 -4.79 -31.41
C ASP B 44 -15.57 -5.74 -31.94
N GLU B 45 -15.85 -6.38 -33.07
CA GLU B 45 -14.91 -7.36 -33.60
C GLU B 45 -13.60 -6.73 -34.04
N LYS B 46 -13.63 -5.50 -34.55
CA LYS B 46 -12.43 -4.86 -35.08
C LYS B 46 -11.65 -4.08 -34.01
N GLN B 47 -12.34 -3.24 -33.24
CA GLN B 47 -11.74 -2.47 -32.14
C GLN B 47 -12.32 -3.03 -30.84
N GLN B 48 -11.66 -4.04 -30.30
CA GLN B 48 -12.28 -4.90 -29.29
C GLN B 48 -12.34 -4.27 -27.90
N HIS B 49 -11.84 -3.04 -27.71
CA HIS B 49 -12.10 -2.37 -26.46
C HIS B 49 -13.47 -1.68 -26.42
N ILE B 50 -14.16 -1.59 -27.55
CA ILE B 50 -15.47 -0.98 -27.61
C ILE B 50 -16.53 -2.03 -27.30
N VAL B 51 -17.45 -1.70 -26.40
CA VAL B 51 -18.54 -2.58 -26.02
C VAL B 51 -19.85 -1.88 -26.34
N TYR B 52 -20.76 -2.59 -26.99
CA TYR B 52 -22.06 -2.07 -27.39
C TYR B 52 -23.11 -2.57 -26.40
N CYS B 53 -23.85 -1.63 -25.82
CA CYS B 53 -24.77 -1.97 -24.74
C CYS B 53 -26.22 -1.66 -25.09
N SER B 54 -26.49 -1.31 -26.35
CA SER B 54 -27.86 -0.96 -26.72
C SER B 54 -28.76 -2.18 -26.65
N ASN B 55 -30.00 -1.96 -26.18
CA ASN B 55 -31.00 -3.00 -25.98
C ASN B 55 -30.39 -4.20 -25.25
N ASP B 56 -29.66 -3.92 -24.19
CA ASP B 56 -29.07 -4.97 -23.39
C ASP B 56 -29.09 -4.53 -21.95
N LEU B 57 -29.15 -5.53 -21.06
CA LEU B 57 -29.13 -5.28 -19.63
C LEU B 57 -27.96 -4.39 -19.25
N LEU B 58 -26.82 -4.59 -19.91
CA LEU B 58 -25.62 -3.82 -19.63
C LEU B 58 -25.83 -2.33 -19.89
N GLY B 59 -26.64 -1.97 -20.89
CA GLY B 59 -26.90 -0.57 -21.16
C GLY B 59 -27.67 0.13 -20.06
N ASP B 60 -28.57 -0.60 -19.39
CA ASP B 60 -29.24 -0.01 -18.23
C ASP B 60 -28.24 0.22 -17.10
N LEU B 61 -27.32 -0.73 -16.90
CA LEU B 61 -26.34 -0.60 -15.82
C LEU B 61 -25.39 0.57 -16.06
N PHE B 62 -24.92 0.72 -17.30
CA PHE B 62 -24.04 1.83 -17.63
C PHE B 62 -24.79 3.13 -17.87
N GLY B 63 -26.06 3.06 -18.22
CA GLY B 63 -26.72 4.32 -18.54
C GLY B 63 -26.30 4.87 -19.86
N ALA B 64 -25.61 4.09 -20.69
CA ALA B 64 -25.03 4.52 -21.93
C ALA B 64 -25.12 3.39 -22.94
N PRO B 65 -25.10 3.68 -24.23
CA PRO B 65 -25.21 2.60 -25.24
C PRO B 65 -23.88 2.00 -25.64
N SER B 66 -22.77 2.55 -25.16
CA SER B 66 -21.45 2.04 -25.49
C SER B 66 -20.49 2.54 -24.43
N PHE B 67 -19.33 1.89 -24.35
CA PHE B 67 -18.25 2.35 -23.52
C PHE B 67 -16.98 1.71 -24.05
N SER B 68 -15.84 2.23 -23.61
CA SER B 68 -14.54 1.68 -23.95
C SER B 68 -13.95 1.02 -22.72
N VAL B 69 -13.36 -0.17 -22.91
CA VAL B 69 -12.73 -0.86 -21.79
C VAL B 69 -11.55 -0.08 -21.26
N LYS B 70 -10.99 0.82 -22.08
CA LYS B 70 -9.88 1.66 -21.65
C LYS B 70 -10.30 2.67 -20.58
N GLU B 71 -11.60 2.96 -20.46
CA GLU B 71 -12.12 3.91 -19.48
C GLU B 71 -12.30 3.22 -18.13
N HIS B 72 -11.18 2.99 -17.46
CA HIS B 72 -11.20 2.18 -16.23
C HIS B 72 -12.02 2.83 -15.14
N ARG B 73 -11.89 4.15 -14.95
CA ARG B 73 -12.66 4.81 -13.90
C ARG B 73 -14.15 4.72 -14.18
N LYS B 74 -14.55 4.89 -15.45
CA LYS B 74 -15.97 4.80 -15.78
C LYS B 74 -16.52 3.41 -15.50
N ILE B 75 -15.73 2.37 -15.80
CA ILE B 75 -16.17 0.99 -15.55
C ILE B 75 -16.35 0.76 -14.06
N TYR B 76 -15.34 1.12 -13.25
CA TYR B 76 -15.45 0.94 -11.81
C TYR B 76 -16.60 1.76 -11.23
N THR B 77 -16.80 2.97 -11.76
CA THR B 77 -17.91 3.80 -11.33
C THR B 77 -19.24 3.10 -11.60
N MET B 78 -19.40 2.55 -12.80
CA MET B 78 -20.62 1.81 -13.14
C MET B 78 -20.84 0.66 -12.18
N ILE B 79 -19.78 -0.09 -11.90
CA ILE B 79 -19.90 -1.29 -11.08
C ILE B 79 -20.24 -0.90 -9.63
N TYR B 80 -19.49 0.05 -9.07
CA TYR B 80 -19.72 0.44 -7.69
C TYR B 80 -21.11 1.03 -7.49
N ARG B 81 -21.67 1.67 -8.52
CA ARG B 81 -23.02 2.19 -8.42
C ARG B 81 -24.06 1.08 -8.40
N ASN B 82 -23.70 -0.12 -8.84
CA ASN B 82 -24.66 -1.22 -8.89
C ASN B 82 -24.34 -2.34 -7.91
N LEU B 83 -23.56 -2.05 -6.87
CA LEU B 83 -23.33 -3.01 -5.81
C LEU B 83 -23.29 -2.27 -4.48
N VAL B 84 -23.25 -3.05 -3.40
CA VAL B 84 -23.13 -2.55 -2.04
C VAL B 84 -21.94 -3.26 -1.40
N VAL B 85 -20.95 -2.48 -0.99
CA VAL B 85 -19.77 -3.07 -0.35
C VAL B 85 -20.16 -3.61 1.02
N VAL B 86 -19.64 -4.79 1.35
CA VAL B 86 -19.98 -5.43 2.62
C VAL B 86 -19.03 -4.95 3.70
N THR C 1 -5.29 -6.49 -30.32
CA THR C 1 -5.55 -6.73 -28.90
C THR C 1 -6.98 -7.22 -28.70
N SER C 2 -7.12 -8.35 -28.00
CA SER C 2 -8.42 -8.95 -27.79
C SER C 2 -9.19 -8.22 -26.71
N PHE C 3 -10.52 -8.39 -26.71
CA PHE C 3 -11.31 -7.91 -25.60
C PHE C 3 -10.86 -8.53 -24.29
N ALA C 4 -10.53 -9.83 -24.31
CA ALA C 4 -10.07 -10.51 -23.10
C ALA C 4 -8.89 -9.78 -22.49
N GLU C 5 -7.92 -9.41 -23.32
CA GLU C 5 -6.73 -8.74 -22.81
C GLU C 5 -7.05 -7.33 -22.32
N TYR C 6 -7.84 -6.58 -23.11
CA TYR C 6 -8.31 -5.28 -22.66
C TYR C 6 -9.01 -5.39 -21.30
N TRP C 7 -9.94 -6.34 -21.20
CA TRP C 7 -10.69 -6.49 -19.95
C TRP C 7 -9.78 -6.90 -18.80
N ALA C 8 -8.82 -7.78 -19.07
CA ALA C 8 -7.92 -8.28 -18.02
C ALA C 8 -7.07 -7.16 -17.42
CA URL C 9 -5.83 -5.04 -17.73
C URL C 9 -8.38 -3.31 -16.58
O URL C 9 -7.65 -2.87 -15.69
CB URL C 9 -4.38 -5.05 -18.23
C2 URL C 9 -6.51 -3.72 -18.12
N URL C 9 -6.61 -6.18 -18.22
N2 URL C 9 -7.92 -3.82 -17.73
N G2Z C 10 -9.70 -3.47 -16.41
C2 G2Z C 10 -9.92 -4.03 -14.04
CA G2Z C 10 -10.37 -3.09 -15.16
C G2Z C 10 -9.74 -6.45 -13.71
O G2Z C 10 -8.90 -6.29 -12.82
CB G2Z C 10 -11.90 -3.14 -15.28
N2 G2Z C 10 -10.36 -5.40 -14.34
N PRO C 11 -9.97 -7.71 -13.95
CA PRO C 11 -9.90 -8.93 -13.15
C PRO C 11 -8.54 -9.60 -13.21
N THR D 1 -17.33 -20.54 -9.24
CA THR D 1 -16.21 -20.05 -10.04
C THR D 1 -16.60 -19.94 -11.51
N SER D 2 -16.33 -18.78 -12.11
CA SER D 2 -16.65 -18.53 -13.50
C SER D 2 -15.65 -19.21 -14.42
N PHE D 3 -16.10 -19.49 -15.65
CA PHE D 3 -15.16 -19.98 -16.67
C PHE D 3 -13.99 -19.03 -16.83
N ALA D 4 -14.25 -17.72 -16.84
CA ALA D 4 -13.18 -16.74 -17.01
C ALA D 4 -12.11 -16.89 -15.95
N GLU D 5 -12.50 -17.10 -14.69
CA GLU D 5 -11.50 -17.26 -13.65
C GLU D 5 -10.76 -18.59 -13.78
N TYR D 6 -11.49 -19.66 -14.10
CA TYR D 6 -10.85 -20.95 -14.39
C TYR D 6 -9.84 -20.80 -15.52
N TRP D 7 -10.23 -20.08 -16.58
CA TRP D 7 -9.34 -19.95 -17.73
C TRP D 7 -8.12 -19.10 -17.40
N ALA D 8 -8.33 -18.00 -16.65
CA ALA D 8 -7.24 -17.12 -16.25
C ALA D 8 -6.22 -17.84 -15.37
CA URL D 9 -5.76 -19.49 -13.58
C URL D 9 -4.73 -21.66 -15.93
O URL D 9 -3.63 -21.69 -15.38
CB URL D 9 -5.98 -19.25 -12.09
C2 URL D 9 -5.91 -20.98 -13.86
N URL D 9 -6.67 -18.72 -14.45
N2 URL D 9 -5.84 -21.25 -15.30
C1 URL D 9 -5.85 -17.77 -11.74
C3 URL D 9 -6.10 -17.60 -10.24
C4 URL D 9 -4.45 -17.28 -12.07
N G2Z D 10 -4.96 -21.90 -17.23
C2 G2Z D 10 -2.83 -21.20 -18.28
CA G2Z D 10 -3.93 -22.27 -18.19
C G2Z D 10 -2.81 -18.76 -18.64
O G2Z D 10 -1.69 -18.64 -18.17
CB G2Z D 10 -4.53 -22.48 -19.58
N2 G2Z D 10 -3.45 -19.98 -18.80
N PRO D 11 -3.44 -17.60 -18.98
CA PRO D 11 -3.21 -16.20 -19.36
C PRO D 11 -2.98 -15.29 -18.16
N THR E 2 28.84 -14.41 13.55
CA THR E 2 29.20 -14.65 12.16
C THR E 2 27.95 -14.73 11.28
N LEU E 3 28.16 -14.69 9.97
CA LEU E 3 27.06 -14.69 9.02
C LEU E 3 26.76 -16.11 8.56
N VAL E 4 25.47 -16.43 8.45
CA VAL E 4 25.02 -17.76 8.03
C VAL E 4 24.05 -17.57 6.88
N ARG E 5 23.77 -18.67 6.17
CA ARG E 5 22.83 -18.60 5.04
C ARG E 5 21.91 -19.82 5.00
N PRO E 6 20.63 -19.64 5.30
CA PRO E 6 19.70 -20.78 5.36
C PRO E 6 19.56 -21.53 4.04
N LYS E 7 19.46 -22.85 4.15
CA LYS E 7 19.13 -23.69 3.02
C LYS E 7 17.64 -23.51 2.69
N PRO E 8 17.22 -23.75 1.40
CA PRO E 8 15.90 -23.27 0.93
C PRO E 8 14.66 -23.43 1.80
N LEU E 9 14.45 -24.57 2.44
CA LEU E 9 13.24 -24.71 3.25
C LEU E 9 13.28 -23.74 4.43
N LEU E 10 14.43 -23.62 5.08
CA LEU E 10 14.59 -22.66 6.16
C LEU E 10 14.41 -21.22 5.67
N LEU E 11 14.94 -20.93 4.47
CA LEU E 11 14.77 -19.60 3.90
C LEU E 11 13.31 -19.34 3.59
N LYS E 12 12.60 -20.35 3.07
CA LYS E 12 11.19 -20.20 2.78
C LYS E 12 10.40 -19.87 4.05
N LEU E 13 10.71 -20.54 5.16
CA LEU E 13 10.03 -20.22 6.41
C LEU E 13 10.30 -18.78 6.81
N LEU E 14 11.57 -18.38 6.77
CA LEU E 14 11.93 -17.00 7.11
C LEU E 14 11.28 -16.01 6.16
N LYS E 15 11.25 -16.32 4.86
CA LYS E 15 10.73 -15.38 3.87
C LYS E 15 9.24 -15.16 4.01
N SER E 16 8.49 -16.18 4.43
CA SER E 16 7.05 -16.02 4.51
C SER E 16 6.62 -15.03 5.59
N VAL E 17 7.50 -14.65 6.51
CA VAL E 17 7.14 -13.65 7.50
C VAL E 17 7.99 -12.38 7.41
N GLY E 18 8.54 -12.11 6.23
CA GLY E 18 9.15 -10.82 5.95
C GLY E 18 10.66 -10.81 5.85
N ALA E 19 11.33 -11.94 6.09
CA ALA E 19 12.74 -12.00 5.79
C ALA E 19 12.93 -11.90 4.29
N GLN E 20 13.89 -11.09 3.87
CA GLN E 20 14.10 -10.82 2.46
C GLN E 20 15.51 -11.06 1.96
N LYS E 21 16.47 -11.29 2.84
CA LYS E 21 17.87 -11.33 2.44
C LYS E 21 18.35 -12.77 2.46
N ASP E 22 19.54 -12.98 1.89
CA ASP E 22 20.16 -14.29 1.75
C ASP E 22 21.00 -14.67 2.96
N THR E 23 21.61 -13.68 3.59
CA THR E 23 22.62 -13.89 4.62
C THR E 23 22.12 -13.21 5.89
N TYR E 24 22.19 -13.93 7.01
CA TYR E 24 21.71 -13.42 8.28
C TYR E 24 22.68 -13.84 9.37
N THR E 25 22.60 -13.12 10.49
CA THR E 25 23.25 -13.58 11.69
C THR E 25 22.41 -14.66 12.37
N MET E 26 23.08 -15.40 13.25
CA MET E 26 22.41 -16.41 14.05
C MET E 26 21.29 -15.79 14.87
N LYS E 27 21.56 -14.60 15.42
CA LYS E 27 20.58 -13.88 16.21
C LYS E 27 19.36 -13.49 15.37
N GLU E 28 19.59 -13.06 14.12
CA GLU E 28 18.51 -12.62 13.26
C GLU E 28 17.59 -13.77 12.84
N VAL E 29 18.14 -14.92 12.47
CA VAL E 29 17.29 -16.05 12.12
C VAL E 29 16.46 -16.48 13.34
N LEU E 30 17.07 -16.48 14.52
CA LEU E 30 16.33 -16.83 15.73
C LEU E 30 15.21 -15.83 15.97
N PHE E 31 15.47 -14.56 15.68
CA PHE E 31 14.42 -13.55 15.81
C PHE E 31 13.27 -13.84 14.84
N TYR E 32 13.60 -14.08 13.56
CA TYR E 32 12.55 -14.32 12.57
C TYR E 32 11.80 -15.63 12.82
N LEU E 33 12.52 -16.70 13.19
CA LEU E 33 11.85 -17.98 13.38
C LEU E 33 10.83 -17.89 14.51
N GLY E 34 11.19 -17.21 15.59
CA GLY E 34 10.22 -16.94 16.64
C GLY E 34 9.07 -16.07 16.15
N GLN E 35 9.36 -15.12 15.27
CA GLN E 35 8.30 -14.34 14.63
C GLN E 35 7.36 -15.25 13.85
N TYR E 36 7.94 -16.19 13.08
CA TYR E 36 7.14 -17.14 12.32
C TYR E 36 6.20 -17.93 13.22
N ILE E 37 6.72 -18.41 14.36
CA ILE E 37 5.91 -19.20 15.28
C ILE E 37 4.78 -18.36 15.88
N MET E 38 5.09 -17.12 16.23
CA MET E 38 4.06 -16.24 16.80
C MET E 38 3.08 -15.81 15.73
N THR E 39 3.60 -15.49 14.54
CA THR E 39 2.74 -15.05 13.44
C THR E 39 1.80 -16.17 13.00
N LYS E 40 2.29 -17.41 12.98
CA LYS E 40 1.46 -18.54 12.62
C LYS E 40 0.70 -19.10 13.80
N ARG E 41 0.89 -18.53 14.99
CA ARG E 41 0.17 -18.90 16.19
C ARG E 41 0.31 -20.40 16.45
N LEU E 42 1.55 -20.87 16.45
CA LEU E 42 1.84 -22.28 16.63
C LEU E 42 2.01 -22.66 18.09
N TYR E 43 2.07 -21.68 18.99
CA TYR E 43 2.27 -21.95 20.40
C TYR E 43 0.95 -22.20 21.12
N ASP E 44 1.01 -23.04 22.15
CA ASP E 44 -0.15 -23.36 22.98
C ASP E 44 -0.52 -22.21 23.91
N GLU E 45 -1.81 -21.87 23.94
CA GLU E 45 -2.26 -20.73 24.73
C GLU E 45 -2.09 -20.97 26.23
N LYS E 46 -2.20 -22.23 26.68
CA LYS E 46 -2.18 -22.54 28.10
C LYS E 46 -0.76 -22.75 28.63
N GLN E 47 0.01 -23.62 27.99
CA GLN E 47 1.43 -23.85 28.31
C GLN E 47 2.23 -23.38 27.11
N GLN E 48 2.63 -22.11 27.12
CA GLN E 48 3.06 -21.43 25.89
C GLN E 48 4.43 -21.88 25.40
N HIS E 49 5.10 -22.79 26.10
CA HIS E 49 6.35 -23.34 25.60
C HIS E 49 6.13 -24.46 24.59
N ILE E 50 4.88 -24.87 24.38
CA ILE E 50 4.50 -25.93 23.45
C ILE E 50 4.26 -25.33 22.07
N VAL E 51 4.76 -25.99 21.03
CA VAL E 51 4.56 -25.54 19.65
C VAL E 51 3.91 -26.68 18.85
N TYR E 52 2.86 -26.36 18.10
CA TYR E 52 2.16 -27.33 17.25
C TYR E 52 2.46 -27.05 15.78
N CYS E 53 3.06 -28.02 15.10
CA CYS E 53 3.50 -27.84 13.72
C CYS E 53 3.16 -29.03 12.82
N SER E 54 2.07 -29.73 13.09
CA SER E 54 1.67 -30.82 12.21
C SER E 54 1.29 -30.22 10.86
N ASN E 55 1.77 -30.83 9.77
CA ASN E 55 1.48 -30.32 8.43
C ASN E 55 1.94 -28.88 8.25
N ASP E 56 3.22 -28.64 8.56
CA ASP E 56 3.77 -27.30 8.45
C ASP E 56 5.22 -27.40 8.00
N LEU E 57 5.70 -26.36 7.32
CA LEU E 57 7.10 -26.32 6.94
C LEU E 57 8.01 -26.47 8.15
N LEU E 58 7.67 -25.80 9.25
CA LEU E 58 8.46 -25.95 10.47
C LEU E 58 8.40 -27.39 10.97
N GLY E 59 7.23 -28.02 10.81
CA GLY E 59 7.07 -29.42 11.18
C GLY E 59 7.88 -30.37 10.33
N ASP E 60 8.11 -30.01 9.07
CA ASP E 60 9.04 -30.78 8.24
C ASP E 60 10.49 -30.59 8.67
N LEU E 61 10.89 -29.33 8.91
CA LEU E 61 12.27 -29.03 9.27
C LEU E 61 12.63 -29.63 10.63
N PHE E 62 11.69 -29.61 11.56
CA PHE E 62 11.97 -30.13 12.90
C PHE E 62 12.01 -31.66 12.90
N GLY E 63 11.32 -32.27 11.93
CA GLY E 63 11.13 -33.69 11.79
C GLY E 63 10.03 -34.30 12.65
N ALA E 64 9.35 -33.50 13.44
CA ALA E 64 8.31 -33.97 14.36
C ALA E 64 7.20 -32.93 14.37
N PRO E 65 5.97 -33.34 14.69
CA PRO E 65 4.83 -32.43 14.60
C PRO E 65 4.57 -31.53 15.80
N SER E 66 5.39 -31.64 16.85
CA SER E 66 5.26 -30.77 18.01
C SER E 66 6.57 -30.83 18.77
N PHE E 67 6.81 -29.79 19.56
CA PHE E 67 7.99 -29.71 20.41
C PHE E 67 7.78 -28.61 21.45
N SER E 68 8.69 -28.57 22.41
CA SER E 68 8.70 -27.54 23.45
C SER E 68 9.87 -26.59 23.22
N VAL E 69 9.65 -25.31 23.51
CA VAL E 69 10.72 -24.33 23.38
C VAL E 69 11.89 -24.63 24.29
N LYS E 70 11.66 -25.42 25.35
CA LYS E 70 12.71 -25.80 26.28
C LYS E 70 13.74 -26.74 25.67
N GLU E 71 13.42 -27.43 24.56
CA GLU E 71 14.34 -28.39 23.94
C GLU E 71 15.37 -27.66 23.07
N HIS E 72 16.32 -27.01 23.75
CA HIS E 72 17.29 -26.15 23.08
C HIS E 72 18.19 -26.93 22.13
N ARG E 73 18.67 -28.10 22.56
CA ARG E 73 19.56 -28.86 21.69
C ARG E 73 18.83 -29.26 20.41
N LYS E 74 17.57 -29.69 20.54
CA LYS E 74 16.79 -30.06 19.36
C LYS E 74 16.58 -28.84 18.46
N ILE E 75 16.32 -27.68 19.08
CA ILE E 75 16.10 -26.45 18.32
C ILE E 75 17.37 -26.06 17.57
N TYR E 76 18.51 -26.06 18.27
CA TYR E 76 19.77 -25.71 17.62
C TYR E 76 20.14 -26.74 16.54
N THR E 77 19.80 -28.01 16.78
CA THR E 77 20.06 -29.03 15.75
C THR E 77 19.34 -28.70 14.46
N MET E 78 18.02 -28.51 14.54
CA MET E 78 17.22 -28.24 13.36
C MET E 78 17.75 -27.02 12.64
N ILE E 79 18.11 -25.98 13.40
CA ILE E 79 18.59 -24.74 12.83
C ILE E 79 19.94 -24.93 12.18
N TYR E 80 20.92 -25.42 12.94
CA TYR E 80 22.28 -25.53 12.41
C TYR E 80 22.37 -26.49 11.23
N ARG E 81 21.53 -27.53 11.21
CA ARG E 81 21.49 -28.44 10.07
C ARG E 81 20.80 -27.83 8.85
N ASN E 82 20.01 -26.78 9.04
CA ASN E 82 19.34 -26.11 7.94
C ASN E 82 20.01 -24.78 7.66
N LEU E 83 21.28 -24.68 8.02
CA LEU E 83 22.11 -23.53 7.75
C LEU E 83 23.42 -23.99 7.13
N VAL E 84 24.16 -23.01 6.60
CA VAL E 84 25.52 -23.21 6.10
C VAL E 84 26.32 -22.06 6.67
N VAL E 85 27.10 -22.33 7.72
CA VAL E 85 27.86 -21.26 8.37
C VAL E 85 29.02 -20.83 7.49
N VAL E 86 29.23 -19.52 7.41
CA VAL E 86 30.31 -18.91 6.63
C VAL E 86 31.50 -18.44 7.46
N GLU F 1 13.23 -7.40 37.04
CA GLU F 1 12.53 -6.17 36.69
C GLU F 1 11.46 -5.81 37.73
N THR F 2 11.16 -4.51 37.82
CA THR F 2 10.23 -3.99 38.81
C THR F 2 8.83 -4.56 38.62
N LEU F 3 8.13 -4.79 39.75
CA LEU F 3 6.79 -5.34 39.66
C LEU F 3 5.79 -4.25 39.30
N VAL F 4 4.90 -4.57 38.36
CA VAL F 4 3.89 -3.65 37.86
C VAL F 4 2.55 -4.37 37.85
N ARG F 5 1.49 -3.57 37.93
CA ARG F 5 0.12 -4.08 37.75
C ARG F 5 -0.53 -3.34 36.61
N PRO F 6 -0.71 -3.97 35.45
CA PRO F 6 -1.31 -3.27 34.30
C PRO F 6 -2.73 -2.83 34.58
N LYS F 7 -3.09 -1.68 34.02
CA LYS F 7 -4.44 -1.16 34.10
C LYS F 7 -5.37 -1.96 33.18
N PRO F 8 -6.70 -1.88 33.40
CA PRO F 8 -7.63 -2.80 32.71
C PRO F 8 -7.42 -3.00 31.22
N LEU F 9 -7.19 -1.93 30.46
CA LEU F 9 -7.02 -2.08 29.02
C LEU F 9 -5.74 -2.85 28.70
N LEU F 10 -4.63 -2.49 29.36
CA LEU F 10 -3.39 -3.22 29.13
C LEU F 10 -3.51 -4.67 29.58
N LEU F 11 -4.20 -4.92 30.69
CA LEU F 11 -4.35 -6.28 31.18
C LEU F 11 -5.17 -7.14 30.22
N LYS F 12 -6.27 -6.59 29.68
CA LYS F 12 -7.05 -7.33 28.69
C LYS F 12 -6.20 -7.70 27.49
N LEU F 13 -5.32 -6.78 27.07
CA LEU F 13 -4.42 -7.07 25.97
C LEU F 13 -3.51 -8.25 26.32
N LEU F 14 -2.89 -8.22 27.50
CA LEU F 14 -2.03 -9.32 27.92
C LEU F 14 -2.82 -10.63 28.03
N LYS F 15 -4.04 -10.57 28.56
CA LYS F 15 -4.82 -11.79 28.74
C LYS F 15 -5.24 -12.40 27.41
N SER F 16 -5.37 -11.59 26.37
CA SER F 16 -5.75 -12.11 25.06
C SER F 16 -4.65 -12.96 24.43
N VAL F 17 -3.42 -12.87 24.91
CA VAL F 17 -2.33 -13.71 24.43
C VAL F 17 -1.85 -14.68 25.51
N GLY F 18 -2.69 -14.96 26.49
CA GLY F 18 -2.48 -16.07 27.41
C GLY F 18 -2.06 -15.71 28.81
N ALA F 19 -1.84 -14.42 29.11
CA ALA F 19 -1.49 -14.01 30.47
C ALA F 19 -2.63 -14.31 31.45
N GLN F 20 -2.24 -14.75 32.65
CA GLN F 20 -3.19 -15.23 33.66
C GLN F 20 -3.15 -14.47 34.98
N LYS F 21 -2.22 -13.53 35.17
CA LYS F 21 -2.03 -12.83 36.44
C LYS F 21 -2.41 -11.36 36.30
N ASP F 22 -2.33 -10.62 37.42
CA ASP F 22 -2.55 -9.18 37.41
C ASP F 22 -1.31 -8.39 37.86
N THR F 23 -0.17 -9.06 38.04
CA THR F 23 1.07 -8.43 38.48
C THR F 23 2.23 -9.05 37.72
N TYR F 24 3.12 -8.20 37.20
CA TYR F 24 4.22 -8.63 36.36
C TYR F 24 5.48 -7.80 36.59
N THR F 25 6.59 -8.33 36.09
CA THR F 25 7.79 -7.51 35.90
C THR F 25 7.62 -6.68 34.62
N MET F 26 8.43 -5.62 34.52
CA MET F 26 8.40 -4.80 33.31
C MET F 26 8.77 -5.62 32.09
N LYS F 27 9.78 -6.49 32.22
CA LYS F 27 10.19 -7.32 31.10
C LYS F 27 9.05 -8.24 30.64
N GLU F 28 8.28 -8.75 31.60
CA GLU F 28 7.17 -9.65 31.25
C GLU F 28 6.10 -8.91 30.44
N VAL F 29 5.78 -7.68 30.83
CA VAL F 29 4.79 -6.91 30.08
C VAL F 29 5.27 -6.66 28.66
N LEU F 30 6.55 -6.30 28.50
CA LEU F 30 7.11 -6.03 27.19
C LEU F 30 7.14 -7.28 26.30
N PHE F 31 7.51 -8.43 26.87
CA PHE F 31 7.50 -9.67 26.09
C PHE F 31 6.10 -10.01 25.61
N TYR F 32 5.12 -9.97 26.52
CA TYR F 32 3.74 -10.23 26.14
C TYR F 32 3.23 -9.20 25.13
N LEU F 33 3.69 -7.94 25.27
CA LEU F 33 3.24 -6.90 24.36
C LEU F 33 3.71 -7.16 22.93
N GLY F 34 4.97 -7.56 22.76
CA GLY F 34 5.45 -7.90 21.43
C GLY F 34 4.74 -9.12 20.87
N GLN F 35 4.50 -10.13 21.71
CA GLN F 35 3.75 -11.31 21.30
C GLN F 35 2.38 -10.93 20.77
N TYR F 36 1.71 -10.00 21.44
CA TYR F 36 0.41 -9.56 20.97
C TYR F 36 0.51 -9.02 19.54
N ILE F 37 1.52 -8.19 19.28
CA ILE F 37 1.66 -7.57 17.96
C ILE F 37 1.91 -8.62 16.89
N MET F 38 2.78 -9.60 17.18
CA MET F 38 3.07 -10.62 16.16
C MET F 38 1.92 -11.61 16.02
N THR F 39 1.31 -12.01 17.14
CA THR F 39 0.22 -12.99 17.09
C THR F 39 -0.98 -12.45 16.32
N LYS F 40 -1.28 -11.17 16.49
CA LYS F 40 -2.36 -10.53 15.74
C LYS F 40 -1.89 -9.99 14.40
N ARG F 41 -0.61 -10.19 14.07
CA ARG F 41 -0.06 -9.82 12.76
C ARG F 41 -0.25 -8.34 12.46
N LEU F 42 0.12 -7.51 13.44
CA LEU F 42 -0.06 -6.07 13.34
C LEU F 42 1.14 -5.37 12.71
N TYR F 43 2.24 -6.07 12.49
CA TYR F 43 3.41 -5.46 11.90
C TYR F 43 3.34 -5.54 10.37
N ASP F 44 3.92 -4.53 9.71
CA ASP F 44 3.97 -4.46 8.26
C ASP F 44 4.97 -5.49 7.72
N GLU F 45 4.59 -6.19 6.65
CA GLU F 45 5.46 -7.26 6.14
C GLU F 45 6.78 -6.71 5.61
N LYS F 46 6.74 -5.55 4.95
CA LYS F 46 7.93 -5.03 4.32
C LYS F 46 8.75 -4.14 5.25
N GLN F 47 8.10 -3.18 5.91
CA GLN F 47 8.77 -2.28 6.84
C GLN F 47 8.31 -2.67 8.23
N GLN F 48 9.03 -3.60 8.84
CA GLN F 48 8.57 -4.32 10.01
C GLN F 48 8.64 -3.52 11.30
N HIS F 49 9.12 -2.28 11.25
CA HIS F 49 9.01 -1.41 12.40
C HIS F 49 7.64 -0.74 12.49
N ILE F 50 6.82 -0.86 11.45
CA ILE F 50 5.49 -0.23 11.41
C ILE F 50 4.45 -1.20 11.99
N VAL F 51 3.63 -0.70 12.92
CA VAL F 51 2.57 -1.47 13.56
C VAL F 51 1.24 -0.76 13.30
N TYR F 52 0.23 -1.52 12.90
CA TYR F 52 -1.11 -0.98 12.62
C TYR F 52 -2.11 -1.45 13.67
N CYS F 53 -2.74 -0.50 14.35
CA CYS F 53 -3.71 -0.79 15.42
C CYS F 53 -4.91 0.15 15.33
N SER F 54 -5.50 0.27 14.13
CA SER F 54 -6.47 1.34 13.87
C SER F 54 -7.71 1.23 14.76
N ASN F 55 -8.30 0.04 14.86
CA ASN F 55 -9.49 -0.20 15.66
C ASN F 55 -9.22 -1.42 16.54
N ASP F 56 -8.21 -1.29 17.38
CA ASP F 56 -7.68 -2.39 18.18
C ASP F 56 -7.35 -1.87 19.57
N LEU F 57 -7.36 -2.80 20.54
CA LEU F 57 -7.03 -2.45 21.92
C LEU F 57 -5.71 -1.68 22.00
N LEU F 58 -4.73 -2.09 21.21
CA LEU F 58 -3.43 -1.42 21.22
C LEU F 58 -3.53 0.04 20.79
N GLY F 59 -4.38 0.33 19.81
CA GLY F 59 -4.53 1.72 19.38
C GLY F 59 -5.19 2.60 20.42
N ASP F 60 -6.12 2.04 21.20
CA ASP F 60 -6.69 2.78 22.32
C ASP F 60 -5.63 3.03 23.37
N LEU F 61 -4.71 2.08 23.54
CA LEU F 61 -3.62 2.25 24.49
C LEU F 61 -2.70 3.38 24.06
N PHE F 62 -2.36 3.40 22.77
CA PHE F 62 -1.44 4.39 22.26
C PHE F 62 -2.11 5.74 22.01
N GLY F 63 -3.42 5.76 21.82
CA GLY F 63 -4.04 7.00 21.46
C GLY F 63 -3.88 7.35 20.00
N ALA F 64 -3.42 6.41 19.19
CA ALA F 64 -3.17 6.57 17.76
C ALA F 64 -3.40 5.24 17.07
N PRO F 65 -3.75 5.24 15.79
CA PRO F 65 -4.04 4.00 15.08
C PRO F 65 -2.83 3.29 14.47
N SER F 66 -1.64 3.87 14.61
CA SER F 66 -0.42 3.30 14.06
C SER F 66 0.79 3.95 14.74
N PHE F 67 1.93 3.27 14.68
CA PHE F 67 3.18 3.80 15.22
C PHE F 67 4.35 2.99 14.68
N SER F 68 5.57 3.51 14.91
CA SER F 68 6.81 2.82 14.57
C SER F 68 7.56 2.41 15.84
N VAL F 69 8.14 1.21 15.82
CA VAL F 69 8.93 0.73 16.95
C VAL F 69 10.21 1.56 17.13
N LYS F 70 10.69 2.20 16.07
CA LYS F 70 11.88 3.02 16.19
C LYS F 70 11.67 4.19 17.14
N GLU F 71 10.40 4.50 17.44
CA GLU F 71 10.04 5.53 18.41
C GLU F 71 10.10 4.91 19.81
N HIS F 72 11.32 4.66 20.27
CA HIS F 72 11.51 3.94 21.52
C HIS F 72 10.91 4.68 22.70
N ARG F 73 11.14 6.00 22.76
CA ARG F 73 10.67 6.80 23.88
C ARG F 73 9.15 6.87 23.98
N LYS F 74 8.45 6.94 22.83
CA LYS F 74 6.99 7.06 22.86
C LYS F 74 6.32 5.81 23.44
N ILE F 75 6.85 4.63 23.12
CA ILE F 75 6.25 3.38 23.58
C ILE F 75 6.27 3.31 25.10
N TYR F 76 7.41 3.65 25.68
CA TYR F 76 7.57 3.60 27.13
C TYR F 76 6.58 4.51 27.84
N THR F 77 6.30 5.67 27.25
CA THR F 77 5.36 6.61 27.83
C THR F 77 3.96 6.00 27.97
N MET F 78 3.42 5.42 26.89
CA MET F 78 2.11 4.78 27.00
C MET F 78 2.11 3.60 27.96
N ILE F 79 3.19 2.80 27.97
CA ILE F 79 3.22 1.64 28.86
C ILE F 79 3.16 2.09 30.32
N TYR F 80 4.02 3.03 30.69
CA TYR F 80 4.07 3.50 32.08
C TYR F 80 2.78 4.20 32.48
N ARG F 81 2.08 4.82 31.53
CA ARG F 81 0.79 5.42 31.84
C ARG F 81 -0.29 4.38 32.08
N ASN F 82 -0.10 3.16 31.58
CA ASN F 82 -1.09 2.11 31.70
C ASN F 82 -0.60 1.02 32.65
N LEU F 83 0.27 1.41 33.58
CA LEU F 83 0.78 0.56 34.63
C LEU F 83 0.68 1.27 35.96
N VAL F 84 0.81 0.48 37.03
CA VAL F 84 0.90 0.97 38.40
C VAL F 84 2.04 0.21 39.06
N VAL F 85 3.06 0.94 39.52
CA VAL F 85 4.20 0.29 40.16
C VAL F 85 3.85 -0.23 41.54
N VAL F 86 4.35 -1.43 41.85
CA VAL F 86 4.12 -2.07 43.13
C VAL F 86 5.22 -1.67 44.10
N THR G 1 15.56 -5.80 9.25
CA THR G 1 15.36 -6.13 10.65
C THR G 1 13.94 -6.67 10.87
N SER G 2 13.84 -7.74 11.65
CA SER G 2 12.56 -8.34 12.00
C SER G 2 11.80 -7.44 12.96
N PHE G 3 10.48 -7.59 12.99
CA PHE G 3 9.74 -6.91 14.05
C PHE G 3 10.25 -7.33 15.41
N ALA G 4 10.52 -8.63 15.59
CA ALA G 4 11.01 -9.12 16.88
C ALA G 4 12.31 -8.44 17.28
N GLU G 5 13.22 -8.24 16.32
CA GLU G 5 14.45 -7.53 16.63
C GLU G 5 14.17 -6.07 16.97
N TYR G 6 13.35 -5.40 16.14
CA TYR G 6 12.94 -4.04 16.46
C TYR G 6 12.32 -3.95 17.84
N TRP G 7 11.44 -4.91 18.18
CA TRP G 7 10.76 -4.85 19.47
C TRP G 7 11.73 -5.09 20.62
N ALA G 8 12.62 -6.08 20.49
CA ALA G 8 13.54 -6.43 21.57
C ALA G 8 14.56 -5.32 21.86
CA URL G 9 16.04 -3.51 21.11
C URL G 9 13.76 -1.60 21.95
O URL G 9 14.53 -1.19 22.81
CB URL G 9 17.48 -3.88 20.73
C2 URL G 9 15.56 -2.23 20.41
N URL G 9 15.08 -4.60 20.85
N2 URL G 9 14.15 -2.19 20.83
C1 URL G 9 17.59 -4.12 19.23
N G2Z G 10 12.43 -1.67 22.12
C2 G2Z G 10 12.22 -2.01 24.57
CA G2Z G 10 11.76 -1.21 23.34
C G2Z G 10 12.38 -4.36 25.34
O G2Z G 10 13.13 -4.11 26.27
CB G2Z G 10 10.25 -1.34 23.20
N2 G2Z G 10 11.83 -3.42 24.49
N PRO G 11 12.10 -5.74 25.49
CA PRO G 11 12.00 -6.99 26.24
C PRO G 11 13.31 -7.50 26.82
N THR H 1 4.55 -17.51 32.17
CA THR H 1 5.63 -17.13 31.25
C THR H 1 5.14 -17.17 29.80
N SER H 2 5.44 -16.11 29.06
CA SER H 2 5.02 -16.01 27.67
C SER H 2 5.90 -16.87 26.77
N PHE H 3 5.37 -17.23 25.60
CA PHE H 3 6.20 -17.88 24.60
C PHE H 3 7.43 -17.02 24.30
N ALA H 4 7.22 -15.72 24.09
CA ALA H 4 8.31 -14.81 23.79
C ALA H 4 9.42 -14.89 24.82
N GLU H 5 9.05 -15.00 26.10
CA GLU H 5 10.04 -15.18 27.14
C GLU H 5 10.72 -16.54 27.02
N TYR H 6 9.91 -17.60 26.89
CA TYR H 6 10.45 -18.95 26.69
C TYR H 6 11.40 -18.98 25.50
N TRP H 7 11.03 -18.31 24.41
CA TRP H 7 11.88 -18.33 23.21
C TRP H 7 13.11 -17.45 23.38
N ALA H 8 12.94 -16.27 23.99
CA ALA H 8 14.06 -15.34 24.14
C ALA H 8 15.18 -15.95 24.96
N GLU I 1 4.55 15.19 19.89
CA GLU I 1 3.86 14.73 18.69
C GLU I 1 4.88 14.31 17.64
N THR I 2 4.77 13.06 17.16
CA THR I 2 5.77 12.53 16.24
C THR I 2 5.68 13.23 14.89
N LEU I 3 6.82 13.69 14.39
CA LEU I 3 6.94 14.37 13.12
C LEU I 3 7.31 13.37 12.03
N VAL I 4 6.76 13.59 10.83
CA VAL I 4 7.07 12.74 9.68
C VAL I 4 7.49 13.61 8.50
N ARG I 5 8.32 13.03 7.63
CA ARG I 5 8.75 13.69 6.38
C ARG I 5 8.26 12.85 5.20
N PRO I 6 7.20 13.27 4.51
CA PRO I 6 6.71 12.48 3.38
C PRO I 6 7.74 12.36 2.25
N LYS I 7 7.75 11.19 1.62
CA LYS I 7 8.56 10.96 0.44
C LYS I 7 7.98 11.70 -0.76
N PRO I 8 8.78 11.90 -1.83
CA PRO I 8 8.34 12.75 -2.94
C PRO I 8 6.94 12.52 -3.48
N LEU I 9 6.50 11.26 -3.66
CA LEU I 9 5.18 11.04 -4.25
C LEU I 9 4.07 11.52 -3.31
N LEU I 10 4.15 11.15 -2.03
CA LEU I 10 3.16 11.63 -1.08
C LEU I 10 3.25 13.14 -0.90
N LEU I 11 4.47 13.68 -0.90
CA LEU I 11 4.66 15.11 -0.74
C LEU I 11 4.06 15.89 -1.90
N LYS I 12 4.24 15.41 -3.13
CA LYS I 12 3.64 16.08 -4.29
C LYS I 12 2.13 16.15 -4.16
N LEU I 13 1.51 15.08 -3.65
CA LEU I 13 0.07 15.09 -3.44
C LEU I 13 -0.34 16.16 -2.43
N LEU I 14 0.34 16.20 -1.28
CA LEU I 14 0.00 17.20 -0.27
C LEU I 14 0.24 18.61 -0.78
N LYS I 15 1.34 18.83 -1.50
CA LYS I 15 1.65 20.16 -2.01
C LYS I 15 0.65 20.59 -3.08
N SER I 16 0.03 19.62 -3.77
CA SER I 16 -0.93 19.96 -4.83
C SER I 16 -2.19 20.62 -4.28
N VAL I 17 -2.47 20.50 -2.99
CA VAL I 17 -3.62 21.16 -2.38
C VAL I 17 -3.17 22.21 -1.35
N GLY I 18 -1.94 22.71 -1.47
CA GLY I 18 -1.52 23.88 -0.73
C GLY I 18 -0.54 23.66 0.39
N ALA I 19 -0.14 22.43 0.69
CA ALA I 19 0.88 22.23 1.70
C ALA I 19 2.19 22.88 1.27
N GLN I 20 2.89 23.50 2.22
CA GLN I 20 4.06 24.31 1.93
C GLN I 20 5.34 23.79 2.56
N LYS I 21 5.27 22.79 3.44
CA LYS I 21 6.43 22.34 4.21
C LYS I 21 6.86 20.94 3.80
N ASP I 22 7.98 20.52 4.38
CA ASP I 22 8.53 19.17 4.23
C ASP I 22 8.20 18.25 5.40
N THR I 23 7.91 18.82 6.57
CA THR I 23 7.78 18.07 7.81
C THR I 23 6.41 18.35 8.40
N TYR I 24 5.73 17.28 8.83
CA TYR I 24 4.36 17.40 9.32
C TYR I 24 4.15 16.46 10.49
N THR I 25 3.07 16.69 11.22
CA THR I 25 2.54 15.64 12.08
C THR I 25 1.70 14.69 11.24
N MET I 26 1.45 13.50 11.79
CA MET I 26 0.60 12.54 11.10
C MET I 26 -0.80 13.11 10.83
N LYS I 27 -1.34 13.86 11.80
CA LYS I 27 -2.66 14.44 11.61
C LYS I 27 -2.69 15.43 10.45
N GLU I 28 -1.61 16.22 10.28
CA GLU I 28 -1.56 17.16 9.18
C GLU I 28 -1.55 16.43 7.83
N VAL I 29 -0.80 15.33 7.74
CA VAL I 29 -0.80 14.55 6.50
C VAL I 29 -2.20 14.04 6.21
N LEU I 30 -2.89 13.54 7.23
CA LEU I 30 -4.24 13.02 7.03
C LEU I 30 -5.22 14.11 6.61
N PHE I 31 -5.10 15.32 7.18
CA PHE I 31 -5.99 16.40 6.77
C PHE I 31 -5.78 16.77 5.32
N TYR I 32 -4.53 16.96 4.90
CA TYR I 32 -4.26 17.32 3.51
C TYR I 32 -4.64 16.18 2.56
N LEU I 33 -4.42 14.93 2.96
CA LEU I 33 -4.75 13.81 2.10
C LEU I 33 -6.25 13.72 1.86
N GLY I 34 -7.06 13.90 2.92
CA GLY I 34 -8.50 13.94 2.73
C GLY I 34 -8.93 15.14 1.91
N GLN I 35 -8.28 16.28 2.14
CA GLN I 35 -8.54 17.47 1.33
C GLN I 35 -8.25 17.21 -0.14
N TYR I 36 -7.15 16.52 -0.43
CA TYR I 36 -6.81 16.17 -1.81
C TYR I 36 -7.93 15.36 -2.46
N ILE I 37 -8.44 14.35 -1.76
CA ILE I 37 -9.44 13.46 -2.34
C ILE I 37 -10.73 14.23 -2.63
N MET I 38 -11.14 15.11 -1.73
CA MET I 38 -12.37 15.87 -1.97
C MET I 38 -12.16 16.93 -3.04
N THR I 39 -11.01 17.63 -3.01
CA THR I 39 -10.78 18.70 -3.96
C THR I 39 -10.72 18.18 -5.39
N LYS I 40 -10.12 17.01 -5.59
CA LYS I 40 -10.06 16.40 -6.91
C LYS I 40 -11.28 15.54 -7.22
N ARG I 41 -12.24 15.46 -6.31
CA ARG I 41 -13.51 14.75 -6.52
C ARG I 41 -13.28 13.29 -6.89
N LEU I 42 -12.46 12.61 -6.10
CA LEU I 42 -12.14 11.20 -6.31
C LEU I 42 -13.07 10.25 -5.55
N TYR I 43 -13.92 10.76 -4.67
CA TYR I 43 -14.80 9.90 -3.90
C TYR I 43 -16.10 9.64 -4.67
N ASP I 44 -16.65 8.45 -4.45
CA ASP I 44 -17.90 8.07 -5.11
C ASP I 44 -19.06 8.85 -4.50
N GLU I 45 -19.91 9.40 -5.35
CA GLU I 45 -21.01 10.24 -4.87
C GLU I 45 -22.03 9.46 -4.06
N LYS I 46 -22.28 8.19 -4.42
CA LYS I 46 -23.30 7.38 -3.76
C LYS I 46 -22.76 6.60 -2.56
N GLN I 47 -21.64 5.90 -2.73
CA GLN I 47 -20.99 5.15 -1.66
C GLN I 47 -19.67 5.85 -1.34
N GLN I 48 -19.73 6.82 -0.43
CA GLN I 48 -18.65 7.80 -0.33
C GLN I 48 -17.39 7.28 0.35
N HIS I 49 -17.34 6.04 0.82
CA HIS I 49 -16.07 5.53 1.28
C HIS I 49 -15.20 5.01 0.14
N ILE I 50 -15.74 4.89 -1.07
CA ILE I 50 -14.97 4.42 -2.23
C ILE I 50 -14.29 5.61 -2.88
N VAL I 51 -13.00 5.45 -3.17
CA VAL I 51 -12.18 6.45 -3.82
C VAL I 51 -11.61 5.87 -5.10
N TYR I 52 -11.66 6.65 -6.18
CA TYR I 52 -11.19 6.25 -7.49
C TYR I 52 -9.82 6.85 -7.74
N CYS I 53 -8.90 6.01 -8.24
CA CYS I 53 -7.51 6.40 -8.38
C CYS I 53 -6.94 6.24 -9.78
N SER I 54 -7.76 5.86 -10.77
CA SER I 54 -7.22 5.65 -12.10
C SER I 54 -6.68 6.97 -12.66
N ASN I 55 -5.52 6.89 -13.31
CA ASN I 55 -4.85 8.04 -13.89
C ASN I 55 -4.64 9.16 -12.88
N ASP I 56 -4.20 8.81 -11.68
CA ASP I 56 -3.99 9.82 -10.66
C ASP I 56 -2.79 9.42 -9.82
N LEU I 57 -2.08 10.43 -9.32
CA LEU I 57 -0.94 10.20 -8.43
C LEU I 57 -1.35 9.31 -7.26
N LEU I 58 -2.57 9.49 -6.77
CA LEU I 58 -3.06 8.68 -5.65
C LEU I 58 -3.06 7.19 -6.02
N GLY I 59 -3.37 6.88 -7.29
CA GLY I 59 -3.31 5.49 -7.74
C GLY I 59 -1.89 4.96 -7.80
N ASP I 60 -0.93 5.82 -8.12
CA ASP I 60 0.46 5.42 -8.03
C ASP I 60 0.84 5.16 -6.58
N LEU I 61 0.27 5.93 -5.66
CA LEU I 61 0.55 5.77 -4.23
C LEU I 61 -0.01 4.45 -3.69
N PHE I 62 -1.26 4.14 -4.03
CA PHE I 62 -1.89 2.92 -3.54
C PHE I 62 -1.55 1.69 -4.36
N GLY I 63 -1.16 1.86 -5.62
CA GLY I 63 -0.93 0.69 -6.44
C GLY I 63 -2.19 0.03 -6.94
N ALA I 64 -3.33 0.71 -6.85
CA ALA I 64 -4.62 0.11 -7.19
C ALA I 64 -5.52 1.19 -7.79
N PRO I 65 -6.53 0.79 -8.56
CA PRO I 65 -7.41 1.77 -9.21
C PRO I 65 -8.53 2.28 -8.31
N SER I 66 -8.69 1.70 -7.11
CA SER I 66 -9.72 2.13 -6.18
C SER I 66 -9.38 1.58 -4.81
N PHE I 67 -9.99 2.17 -3.79
CA PHE I 67 -9.88 1.66 -2.43
C PHE I 67 -11.03 2.21 -1.61
N SER I 68 -11.22 1.62 -0.43
CA SER I 68 -12.25 2.07 0.49
C SER I 68 -11.61 2.71 1.72
N VAL I 69 -12.22 3.81 2.18
CA VAL I 69 -11.74 4.49 3.38
C VAL I 69 -11.86 3.61 4.61
N LYS I 70 -12.75 2.61 4.57
CA LYS I 70 -12.91 1.69 5.68
C LYS I 70 -11.71 0.78 5.87
N GLU I 71 -10.88 0.61 4.85
CA GLU I 71 -9.67 -0.22 4.96
C GLU I 71 -8.55 0.62 5.59
N HIS I 72 -8.69 0.83 6.91
CA HIS I 72 -7.76 1.71 7.61
C HIS I 72 -6.34 1.19 7.54
N ARG I 73 -6.17 -0.13 7.68
CA ARG I 73 -4.81 -0.69 7.62
C ARG I 73 -4.17 -0.45 6.26
N LYS I 74 -4.97 -0.57 5.19
CA LYS I 74 -4.43 -0.32 3.86
C LYS I 74 -4.00 1.14 3.71
N ILE I 75 -4.79 2.06 4.25
CA ILE I 75 -4.47 3.48 4.13
C ILE I 75 -3.19 3.82 4.89
N TYR I 76 -3.10 3.40 6.16
CA TYR I 76 -1.90 3.67 6.95
C TYR I 76 -0.69 2.95 6.36
N THR I 77 -0.88 1.75 5.81
CA THR I 77 0.22 1.06 5.14
C THR I 77 0.78 1.91 4.00
N MET I 78 -0.10 2.41 3.14
CA MET I 78 0.36 3.26 2.04
C MET I 78 1.08 4.49 2.59
N ILE I 79 0.52 5.10 3.64
CA ILE I 79 1.08 6.35 4.15
C ILE I 79 2.46 6.12 4.75
N TYR I 80 2.58 5.13 5.66
CA TYR I 80 3.87 4.86 6.29
C TYR I 80 4.93 4.41 5.30
N ARG I 81 4.53 3.74 4.23
CA ARG I 81 5.51 3.33 3.23
C ARG I 81 6.03 4.52 2.41
N ASN I 82 5.32 5.65 2.44
CA ASN I 82 5.73 6.82 1.68
C ASN I 82 6.16 7.98 2.57
N LEU I 83 6.56 7.72 3.80
CA LEU I 83 7.11 8.74 4.66
C LEU I 83 8.25 8.16 5.48
N VAL I 84 8.95 9.06 6.18
CA VAL I 84 10.04 8.70 7.08
C VAL I 84 9.76 9.35 8.43
N VAL I 85 9.64 8.52 9.47
CA VAL I 85 9.40 9.06 10.81
C VAL I 85 10.68 9.76 11.29
N VAL I 86 10.50 10.93 11.90
CA VAL I 86 11.64 11.72 12.36
C VAL I 86 12.02 11.34 13.77
N THR J 2 9.28 32.24 18.22
CA THR J 2 8.71 33.48 17.73
C THR J 2 8.57 33.47 16.22
N LEU J 3 7.39 33.05 15.75
CA LEU J 3 7.10 32.96 14.33
C LEU J 3 6.51 34.27 13.81
N VAL J 4 6.92 34.64 12.59
CA VAL J 4 6.46 35.85 11.94
C VAL J 4 5.95 35.51 10.55
N ARG J 5 5.07 36.36 10.04
CA ARG J 5 4.56 36.26 8.67
C ARG J 5 4.89 37.55 7.93
N PRO J 6 5.88 37.53 7.05
CA PRO J 6 6.25 38.75 6.33
C PRO J 6 5.08 39.28 5.50
N LYS J 7 4.99 40.61 5.45
CA LYS J 7 4.00 41.28 4.61
C LYS J 7 4.40 41.11 3.13
N PRO J 8 3.44 41.34 2.21
CA PRO J 8 3.68 41.01 0.79
C PRO J 8 5.01 41.46 0.20
N LEU J 9 5.44 42.69 0.46
CA LEU J 9 6.68 43.18 -0.15
C LEU J 9 7.90 42.42 0.36
N LEU J 10 8.01 42.28 1.68
CA LEU J 10 9.12 41.52 2.24
C LEU J 10 9.07 40.06 1.81
N LEU J 11 7.87 39.49 1.74
CA LEU J 11 7.75 38.09 1.34
C LEU J 11 8.22 37.89 -0.10
N LYS J 12 7.86 38.82 -1.00
CA LYS J 12 8.35 38.72 -2.38
C LYS J 12 9.86 38.73 -2.43
N LEU J 13 10.49 39.53 -1.57
CA LEU J 13 11.94 39.55 -1.50
C LEU J 13 12.49 38.19 -1.09
N LEU J 14 11.94 37.62 -0.01
CA LEU J 14 12.42 36.31 0.46
C LEU J 14 12.23 35.25 -0.61
N LYS J 15 11.09 35.27 -1.30
CA LYS J 15 10.81 34.25 -2.32
C LYS J 15 11.69 34.42 -3.55
N SER J 16 12.17 35.64 -3.82
CA SER J 16 13.00 35.85 -5.00
C SER J 16 14.33 35.12 -4.89
N VAL J 17 14.73 34.72 -3.68
CA VAL J 17 15.93 33.91 -3.48
C VAL J 17 15.60 32.53 -2.92
N GLY J 18 14.38 32.05 -3.13
CA GLY J 18 14.07 30.65 -2.91
C GLY J 18 13.21 30.30 -1.71
N ALA J 19 12.79 31.27 -0.89
CA ALA J 19 11.89 30.95 0.21
C ALA J 19 10.57 30.41 -0.33
N GLN J 20 10.03 29.39 0.34
CA GLN J 20 8.87 28.67 -0.18
C GLN J 20 7.64 28.75 0.71
N LYS J 21 7.73 29.33 1.90
CA LYS J 21 6.62 29.37 2.86
C LYS J 21 6.12 30.80 3.07
N ASP J 22 5.12 30.92 3.94
CA ASP J 22 4.58 32.20 4.39
C ASP J 22 5.01 32.55 5.81
N THR J 23 5.50 31.59 6.58
CA THR J 23 5.74 31.75 8.01
C THR J 23 7.17 31.36 8.32
N TYR J 24 7.86 32.21 9.09
CA TYR J 24 9.26 32.02 9.41
C TYR J 24 9.55 32.46 10.83
N THR J 25 10.70 32.01 11.34
CA THR J 25 11.27 32.63 12.51
C THR J 25 12.01 33.90 12.09
N MET J 26 12.27 34.77 13.07
CA MET J 26 13.03 35.98 12.79
C MET J 26 14.41 35.66 12.22
N LYS J 27 15.05 34.61 12.76
CA LYS J 27 16.37 34.23 12.25
C LYS J 27 16.31 33.82 10.79
N GLU J 28 15.25 33.10 10.40
CA GLU J 28 15.13 32.68 9.00
C GLU J 28 14.94 33.87 8.07
N VAL J 29 14.15 34.86 8.48
CA VAL J 29 13.98 36.06 7.65
C VAL J 29 15.31 36.76 7.47
N LEU J 30 16.09 36.87 8.56
CA LEU J 30 17.40 37.52 8.50
C LEU J 30 18.37 36.76 7.61
N PHE J 31 18.33 35.41 7.66
CA PHE J 31 19.19 34.62 6.79
C PHE J 31 18.85 34.85 5.32
N TYR J 32 17.56 34.81 4.98
CA TYR J 32 17.17 35.04 3.58
C TYR J 32 17.48 36.46 3.15
N LEU J 33 17.30 37.44 4.05
CA LEU J 33 17.56 38.83 3.67
C LEU J 33 19.03 39.05 3.36
N GLY J 34 19.93 38.52 4.18
CA GLY J 34 21.35 38.60 3.86
C GLY J 34 21.69 37.86 2.58
N GLN J 35 21.08 36.68 2.40
CA GLN J 35 21.26 35.92 1.16
C GLN J 35 20.82 36.74 -0.06
N TYR J 36 19.70 37.46 0.07
CA TYR J 36 19.24 38.31 -1.03
C TYR J 36 20.28 39.35 -1.41
N ILE J 37 20.87 40.02 -0.40
CA ILE J 37 21.83 41.09 -0.66
C ILE J 37 23.06 40.54 -1.37
N MET J 38 23.54 39.38 -0.95
CA MET J 38 24.72 38.79 -1.61
C MET J 38 24.37 38.25 -2.98
N THR J 39 23.21 37.60 -3.12
CA THR J 39 22.85 37.02 -4.41
C THR J 39 22.66 38.10 -5.48
N LYS J 40 22.12 39.25 -5.08
CA LYS J 40 21.94 40.38 -5.99
C LYS J 40 23.17 41.27 -6.07
N ARG J 41 24.23 40.96 -5.34
CA ARG J 41 25.49 41.72 -5.39
C ARG J 41 25.24 43.19 -5.09
N LEU J 42 24.47 43.44 -4.03
CA LEU J 42 24.11 44.80 -3.64
C LEU J 42 25.09 45.42 -2.66
N TYR J 43 26.02 44.64 -2.12
CA TYR J 43 27.00 45.18 -1.18
C TYR J 43 28.18 45.75 -1.94
N ASP J 44 28.77 46.81 -1.39
CA ASP J 44 29.93 47.44 -1.99
C ASP J 44 31.14 46.53 -1.82
N GLU J 45 31.90 46.35 -2.91
CA GLU J 45 33.02 45.42 -2.88
C GLU J 45 34.11 45.88 -1.92
N LYS J 46 34.31 47.20 -1.78
CA LYS J 46 35.38 47.74 -0.97
C LYS J 46 34.95 47.96 0.48
N GLN J 47 33.81 48.60 0.70
CA GLN J 47 33.27 48.82 2.05
C GLN J 47 32.03 47.94 2.18
N GLN J 48 32.23 46.70 2.62
CA GLN J 48 31.21 45.68 2.44
C GLN J 48 30.04 45.80 3.43
N HIS J 49 30.06 46.77 4.34
CA HIS J 49 28.86 47.05 5.12
C HIS J 49 27.90 47.99 4.40
N ILE J 50 28.32 48.60 3.29
CA ILE J 50 27.46 49.50 2.53
C ILE J 50 26.68 48.68 1.52
N VAL J 51 25.37 48.90 1.47
CA VAL J 51 24.46 48.21 0.55
C VAL J 51 23.78 49.25 -0.32
N TYR J 52 23.79 49.04 -1.64
CA TYR J 52 23.14 49.93 -2.59
C TYR J 52 21.88 49.27 -3.12
N CYS J 53 20.74 49.95 -2.96
CA CYS J 53 19.48 49.32 -3.34
C CYS J 53 18.55 50.25 -4.13
N SER J 54 19.11 51.17 -4.92
CA SER J 54 18.27 52.03 -5.75
C SER J 54 17.55 51.19 -6.81
N ASN J 55 16.26 51.47 -7.02
CA ASN J 55 15.42 50.76 -7.98
C ASN J 55 15.46 49.24 -7.75
N ASP J 56 15.32 48.85 -6.49
CA ASP J 56 15.36 47.45 -6.08
C ASP J 56 14.31 47.27 -5.01
N LEU J 57 13.79 46.04 -4.92
CA LEU J 57 12.78 45.72 -3.90
C LEU J 57 13.26 46.12 -2.51
N LEU J 58 14.54 45.88 -2.23
CA LEU J 58 15.11 46.22 -0.93
C LEU J 58 15.03 47.71 -0.67
N GLY J 59 15.22 48.51 -1.71
CA GLY J 59 15.12 49.96 -1.54
C GLY J 59 13.71 50.41 -1.25
N ASP J 60 12.71 49.72 -1.80
CA ASP J 60 11.32 50.03 -1.46
C ASP J 60 11.03 49.73 0.00
N LEU J 61 11.60 48.65 0.52
CA LEU J 61 11.37 48.27 1.91
C LEU J 61 12.00 49.28 2.86
N PHE J 62 13.22 49.73 2.54
CA PHE J 62 13.92 50.66 3.41
C PHE J 62 13.49 52.11 3.19
N GLY J 63 12.96 52.45 2.00
CA GLY J 63 12.65 53.84 1.79
C GLY J 63 13.87 54.67 1.48
N ALA J 64 14.98 54.04 1.13
CA ALA J 64 16.24 54.72 0.92
C ALA J 64 17.00 54.03 -0.20
N PRO J 65 17.92 54.73 -0.87
CA PRO J 65 18.67 54.11 -1.97
C PRO J 65 19.89 53.34 -1.51
N SER J 66 20.26 53.44 -0.22
CA SER J 66 21.42 52.76 0.31
C SER J 66 21.33 52.77 1.84
N PHE J 67 22.09 51.89 2.46
CA PHE J 67 22.19 51.85 3.92
C PHE J 67 23.44 51.09 4.31
N SER J 68 23.80 51.18 5.59
CA SER J 68 24.93 50.47 6.13
C SER J 68 24.45 49.34 7.03
N VAL J 69 25.10 48.18 6.93
CA VAL J 69 24.74 47.04 7.77
C VAL J 69 24.98 47.33 9.24
N LYS J 70 25.85 48.29 9.56
CA LYS J 70 26.12 48.61 10.96
C LYS J 70 24.95 49.29 11.67
N GLU J 71 24.00 49.90 10.96
CA GLU J 71 22.86 50.52 11.62
C GLU J 71 21.77 49.47 11.85
N HIS J 72 21.99 48.65 12.89
CA HIS J 72 21.12 47.52 13.17
C HIS J 72 19.69 47.96 13.46
N ARG J 73 19.52 49.07 14.18
CA ARG J 73 18.17 49.52 14.51
C ARG J 73 17.38 49.83 13.25
N LYS J 74 18.02 50.44 12.25
CA LYS J 74 17.34 50.72 10.99
C LYS J 74 16.90 49.43 10.31
N ILE J 75 17.74 48.39 10.35
CA ILE J 75 17.37 47.13 9.73
C ILE J 75 16.19 46.49 10.46
N TYR J 76 16.27 46.42 11.79
CA TYR J 76 15.17 45.83 12.57
C TYR J 76 13.90 46.64 12.45
N THR J 77 14.01 47.96 12.35
CA THR J 77 12.81 48.79 12.16
C THR J 77 12.11 48.41 10.86
N MET J 78 12.87 48.31 9.76
CA MET J 78 12.27 47.93 8.48
C MET J 78 11.60 46.56 8.58
N ILE J 79 12.26 45.61 9.22
CA ILE J 79 11.74 44.25 9.28
C ILE J 79 10.45 44.20 10.10
N TYR J 80 10.47 44.82 11.28
CA TYR J 80 9.31 44.76 12.16
C TYR J 80 8.09 45.43 11.55
N ARG J 81 8.31 46.50 10.77
CA ARG J 81 7.20 47.17 10.10
C ARG J 81 6.66 46.36 8.92
N ASN J 82 7.41 45.38 8.42
CA ASN J 82 7.00 44.59 7.27
C ASN J 82 6.69 43.13 7.61
N LEU J 83 6.37 42.81 8.86
CA LEU J 83 5.92 41.46 9.19
C LEU J 83 4.83 41.54 10.25
N VAL J 84 4.22 40.39 10.50
CA VAL J 84 3.18 40.22 11.51
C VAL J 84 3.55 39.04 12.41
N VAL J 85 3.69 39.30 13.71
CA VAL J 85 4.02 38.25 14.66
C VAL J 85 2.83 37.32 14.85
N VAL J 86 3.11 36.02 14.95
CA VAL J 86 2.06 35.03 15.15
C VAL J 86 1.83 34.83 16.64
N THR K 1 -23.43 8.36 5.40
CA THR K 1 -22.15 8.85 5.87
C THR K 1 -21.37 9.52 4.74
N SER K 2 -20.88 10.73 4.99
CA SER K 2 -20.12 11.47 4.02
C SER K 2 -18.69 10.93 3.94
N PHE K 3 -18.02 11.23 2.81
CA PHE K 3 -16.60 10.93 2.74
C PHE K 3 -15.83 11.60 3.87
N ALA K 4 -16.16 12.86 4.15
CA ALA K 4 -15.48 13.59 5.21
C ALA K 4 -15.59 12.86 6.55
N GLU K 5 -16.75 12.28 6.84
CA GLU K 5 -16.92 11.55 8.10
C GLU K 5 -16.16 10.22 8.06
N TYR K 6 -16.27 9.48 6.95
CA TYR K 6 -15.48 8.28 6.78
C TYR K 6 -14.00 8.57 6.99
N TRP K 7 -13.50 9.62 6.35
CA TRP K 7 -12.09 9.94 6.44
C TRP K 7 -11.70 10.35 7.86
N ALA K 8 -12.54 11.15 8.51
CA ALA K 8 -12.26 11.61 9.86
C ALA K 8 -12.34 10.47 10.87
CA URL K 9 -13.49 8.43 11.66
C URL K 9 -10.69 6.89 10.55
O URL K 9 -10.38 6.55 11.69
CB URL K 9 -14.88 8.33 12.28
C2 URL K 9 -13.16 7.09 10.98
N URL K 9 -13.33 9.57 10.74
N2 URL K 9 -11.93 7.23 10.19
C1 URL K 9 -15.29 9.63 12.98
C3 URL K 9 -16.71 9.48 13.54
C4 URL K 9 -14.34 9.91 14.14
N G2Z K 10 -9.89 7.12 9.49
C2 G2Z K 10 -7.76 7.90 10.49
CA G2Z K 10 -8.42 6.98 9.46
C G2Z K 10 -7.89 10.28 11.13
O G2Z K 10 -7.47 10.07 12.26
CB G2Z K 10 -7.88 7.30 8.06
N2 G2Z K 10 -8.02 9.30 10.16
N PRO K 11 -8.03 11.59 10.80
CA PRO K 11 -7.63 12.90 11.34
C PRO K 11 -8.50 13.37 12.49
N THR L 1 36.65 43.15 6.79
CA THR L 1 35.46 42.42 7.19
C THR L 1 34.54 42.20 6.00
N SER L 2 34.06 40.96 5.85
CA SER L 2 33.15 40.62 4.77
C SER L 2 31.73 41.08 5.07
N PHE L 3 30.95 41.29 4.00
CA PHE L 3 29.53 41.55 4.20
C PHE L 3 28.88 40.45 5.02
N ALA L 4 29.22 39.19 4.72
CA ALA L 4 28.61 38.07 5.44
C ALA L 4 28.84 38.21 6.94
N GLU L 5 30.03 38.65 7.34
CA GLU L 5 30.31 38.82 8.77
C GLU L 5 29.60 40.04 9.34
N TYR L 6 29.59 41.16 8.60
CA TYR L 6 28.81 42.32 9.01
C TYR L 6 27.35 41.96 9.23
N TRP L 7 26.79 41.17 8.31
CA TRP L 7 25.37 40.83 8.40
C TRP L 7 25.11 39.88 9.56
N ALA L 8 25.99 38.90 9.76
CA ALA L 8 25.82 37.92 10.83
C ALA L 8 25.89 38.58 12.19
CA URL L 9 27.02 40.25 13.62
C URL L 9 24.19 41.96 13.34
O URL L 9 23.98 41.90 14.55
CB URL L 9 28.44 40.06 14.16
C2 URL L 9 26.68 41.75 13.47
N URL L 9 26.82 39.54 12.35
N2 URL L 9 25.39 41.81 12.78
C1 URL L 9 28.74 38.56 14.26
C3 URL L 9 30.17 38.36 14.76
C4 URL L 9 27.79 37.92 15.28
N G2Z L 10 23.24 42.04 12.39
C2 G2Z L 10 21.30 40.82 13.29
CA G2Z L 10 21.81 42.12 12.67
C G2Z L 10 21.33 38.41 12.73
O G2Z L 10 21.00 38.06 13.84
CB G2Z L 10 21.03 42.39 11.38
N2 G2Z L 10 21.46 39.72 12.32
N PRO L 11 21.67 37.45 11.88
CA PRO L 11 21.31 36.03 12.09
C PRO L 11 22.41 35.25 12.80
P PO4 M . -4.77 -8.39 -32.98
O1 PO4 M . -5.24 -8.76 -31.60
O2 PO4 M . -3.54 -7.53 -32.87
O3 PO4 M . -4.46 -9.63 -33.78
O4 PO4 M . -5.86 -7.61 -33.69
P PO4 N . -20.14 -19.18 -8.13
O1 PO4 N . -20.38 -20.63 -8.44
O2 PO4 N . -19.59 -19.05 -6.73
O3 PO4 N . -19.14 -18.62 -9.11
O4 PO4 N . -21.44 -18.42 -8.25
P PO4 O . -30.63 2.01 -26.04
O1 PO4 O . -31.65 0.93 -26.30
O2 PO4 O . -29.78 1.63 -24.85
O3 PO4 O . -29.77 2.19 -27.26
O4 PO4 O . -31.35 3.31 -25.74
P PO4 P . -3.84 -1.13 -28.57
O1 PO4 P . -4.39 -2.00 -27.46
O2 PO4 P . -2.50 -0.57 -28.16
O3 PO4 P . -3.69 -1.97 -29.82
O4 PO4 P . -4.80 0.00 -28.84
P PO4 Q . -13.02 -25.43 -7.98
O1 PO4 Q . -13.97 -26.15 -8.90
O2 PO4 Q . -11.60 -25.85 -8.28
O3 PO4 Q . -13.15 -23.93 -8.16
O4 PO4 Q . -13.35 -25.78 -6.55
P PO4 R . 1.34 24.35 6.04
O1 PO4 R . -0.02 23.72 6.24
O2 PO4 R . 2.10 24.30 7.34
O3 PO4 R . 2.09 23.58 4.98
O4 PO4 R . 1.17 25.78 5.60
P PO4 S . -4.71 3.37 -16.33
O1 PO4 S . -6.14 3.24 -15.87
O2 PO4 S . -3.81 2.64 -15.36
O3 PO4 S . -4.55 2.78 -17.71
O4 PO4 S . -4.33 4.83 -16.34
P PO4 T . 11.92 27.43 3.17
O1 PO4 T . 11.24 26.76 4.34
O2 PO4 T . 13.20 28.07 3.65
O3 PO4 T . 12.24 26.38 2.12
O4 PO4 T . 11.01 28.47 2.58
P PO4 U . -21.79 2.56 7.11
O1 PO4 U . -22.89 1.57 7.37
O2 PO4 U . -20.76 2.48 8.22
O3 PO4 U . -21.13 2.26 5.79
O4 PO4 U . -22.37 3.95 7.08
P PO4 V . 35.12 47.39 11.05
O1 PO4 V . 34.09 46.56 11.78
O2 PO4 V . 35.97 46.50 10.18
O3 PO4 V . 34.41 48.42 10.19
O4 PO4 V . 35.99 48.09 12.06
#